data_7F84
#
_entry.id   7F84
#
_cell.length_a   103.160
_cell.length_b   103.160
_cell.length_c   97.300
_cell.angle_alpha   90.000
_cell.angle_beta   90.000
_cell.angle_gamma   90.000
#
_symmetry.space_group_name_H-M   'I 4 2 2'
#
loop_
_entity.id
_entity.type
_entity.pdbx_description
1 polymer 'CRISPR-associated endoribonuclease Cas2'
2 non-polymer GLYCEROL
3 water water
#
_entity_poly.entity_id   1
_entity_poly.type   'polypeptide(L)'
_entity_poly.pdbx_seq_one_letter_code
;DPMFIIVCYDVETITQEGRARLRKVAKTCESHGQRVQKSVFECQLEPADYLQFEAKLSKIINSKTDNLRIYSLDAISVSK
IKQFGVSNILDF
;
_entity_poly.pdbx_strand_id   A,B
#
loop_
_chem_comp.id
_chem_comp.type
_chem_comp.name
_chem_comp.formula
GOL non-polymer GLYCEROL 'C3 H8 O3'
#
# COMPACT_ATOMS: atom_id res chain seq x y z
N ASP A 1 -21.05 6.09 -5.05
CA ASP A 1 -21.18 6.96 -3.82
C ASP A 1 -20.16 6.57 -2.77
N PRO A 2 -19.92 5.28 -2.42
CA PRO A 2 -19.02 4.97 -1.31
C PRO A 2 -17.55 5.19 -1.69
N MET A 3 -16.80 5.70 -0.74
CA MET A 3 -15.34 5.92 -0.88
C MET A 3 -14.61 4.60 -0.77
N PHE A 4 -13.58 4.44 -1.59
CA PHE A 4 -12.66 3.28 -1.55
C PHE A 4 -11.36 3.79 -0.93
N ILE A 5 -10.88 3.08 0.09
CA ILE A 5 -9.77 3.54 0.94
C ILE A 5 -8.71 2.45 1.02
N ILE A 6 -7.48 2.77 0.60
CA ILE A 6 -6.28 1.92 0.74
C ILE A 6 -5.49 2.43 1.93
N VAL A 7 -5.30 1.57 2.92
CA VAL A 7 -4.57 1.96 4.15
C VAL A 7 -3.24 1.21 4.15
N CYS A 8 -2.14 1.94 4.21
CA CYS A 8 -0.78 1.32 4.19
C CYS A 8 -0.11 1.71 5.50
N TYR A 9 0.16 0.74 6.35
CA TYR A 9 0.71 0.95 7.70
C TYR A 9 2.08 0.26 7.79
N ASP A 10 3.12 1.06 7.94
CA ASP A 10 4.51 0.61 8.06
C ASP A 10 4.88 0.78 9.53
N VAL A 11 4.92 -0.30 10.28
CA VAL A 11 5.31 -0.32 11.72
C VAL A 11 6.12 -1.57 11.97
N GLU A 12 7.07 -1.49 12.89
CA GLU A 12 7.91 -2.64 13.24
C GLU A 12 7.04 -3.67 14.00
N THR A 13 7.22 -4.94 13.72
CA THR A 13 6.45 -6.02 14.37
C THR A 13 7.43 -6.96 15.03
N ILE A 14 8.55 -6.44 15.50
CA ILE A 14 9.51 -7.23 16.30
C ILE A 14 9.07 -7.15 17.75
N THR A 15 8.79 -5.97 18.27
CA THR A 15 8.36 -5.75 19.67
C THR A 15 6.85 -6.03 19.79
N GLN A 16 6.43 -6.47 20.99
CA GLN A 16 5.00 -6.74 21.35
C GLN A 16 4.21 -5.46 21.15
N GLU A 17 4.76 -4.30 21.50
CA GLU A 17 4.07 -2.98 21.37
C GLU A 17 3.74 -2.74 19.88
N GLY A 18 4.71 -2.96 19.01
CA GLY A 18 4.55 -2.76 17.57
C GLY A 18 3.58 -3.77 16.98
N ARG A 19 3.65 -5.03 17.40
CA ARG A 19 2.69 -6.06 16.94
C ARG A 19 1.27 -5.62 17.33
N ALA A 20 1.10 -5.14 18.56
CA ALA A 20 -0.20 -4.70 19.10
C ALA A 20 -0.76 -3.51 18.27
N ARG A 21 0.08 -2.55 17.93
CA ARG A 21 -0.35 -1.41 17.09
C ARG A 21 -0.86 -1.95 15.75
N LEU A 22 -0.17 -2.93 15.16
CA LEU A 22 -0.59 -3.42 13.82
C LEU A 22 -1.92 -4.18 13.97
N ARG A 23 -2.04 -4.96 15.03
CA ARG A 23 -3.26 -5.73 15.33
C ARG A 23 -4.42 -4.73 15.44
N LYS A 24 -4.21 -3.60 16.09
CA LYS A 24 -5.29 -2.65 16.42
C LYS A 24 -5.75 -1.98 15.13
N VAL A 25 -4.81 -1.70 14.25
CA VAL A 25 -5.15 -1.02 12.96
C VAL A 25 -5.90 -2.02 12.09
N ALA A 26 -5.40 -3.25 12.02
CA ALA A 26 -6.04 -4.36 11.26
C ALA A 26 -7.50 -4.45 11.70
N LYS A 27 -7.74 -4.45 13.00
CA LYS A 27 -9.10 -4.70 13.54
C LYS A 27 -10.03 -3.50 13.23
N THR A 28 -9.53 -2.28 13.27
CA THR A 28 -10.29 -1.11 12.80
C THR A 28 -10.63 -1.27 11.32
N CYS A 29 -9.68 -1.67 10.48
CA CYS A 29 -9.87 -1.71 9.01
C CYS A 29 -10.82 -2.85 8.64
N GLU A 30 -10.85 -3.94 9.41
CA GLU A 30 -11.50 -5.20 8.97
C GLU A 30 -12.99 -5.13 9.22
N SER A 31 -13.43 -4.19 10.03
CA SER A 31 -14.86 -3.89 10.23
C SER A 31 -15.40 -2.99 9.11
N HIS A 32 -14.54 -2.58 8.17
CA HIS A 32 -14.92 -1.76 6.97
C HIS A 32 -14.35 -2.32 5.68
N GLY A 33 -13.85 -3.54 5.69
CA GLY A 33 -13.15 -4.11 4.52
C GLY A 33 -12.23 -5.26 4.90
N GLN A 34 -11.04 -5.31 4.32
CA GLN A 34 -10.31 -6.58 4.11
C GLN A 34 -8.81 -6.29 4.15
N ARG A 35 -8.09 -7.22 4.74
CA ARG A 35 -6.63 -7.20 4.79
C ARG A 35 -6.10 -7.82 3.49
N VAL A 36 -5.27 -7.14 2.71
CA VAL A 36 -4.81 -7.70 1.42
C VAL A 36 -3.33 -8.01 1.50
N GLN A 37 -2.64 -7.48 2.51
CA GLN A 37 -1.17 -7.72 2.73
C GLN A 37 -0.90 -7.65 4.24
N LYS A 38 0.29 -8.00 4.72
CA LYS A 38 0.57 -7.84 6.15
C LYS A 38 0.05 -6.49 6.61
N SER A 39 0.38 -5.43 5.90
CA SER A 39 0.16 -4.07 6.41
C SER A 39 -0.55 -3.20 5.36
N VAL A 40 -1.30 -3.82 4.43
CA VAL A 40 -2.20 -3.09 3.48
C VAL A 40 -3.63 -3.60 3.60
N PHE A 41 -4.60 -2.67 3.73
CA PHE A 41 -6.06 -2.90 3.90
C PHE A 41 -6.85 -2.08 2.88
N GLU A 42 -7.94 -2.66 2.39
CA GLU A 42 -8.90 -2.03 1.47
C GLU A 42 -10.23 -1.87 2.17
N CYS A 43 -10.71 -0.65 2.29
CA CYS A 43 -11.93 -0.35 3.06
C CYS A 43 -12.91 0.45 2.21
N GLN A 44 -14.18 0.36 2.57
CA GLN A 44 -15.28 1.18 2.03
C GLN A 44 -16.03 1.84 3.17
N LEU A 45 -16.41 3.10 2.94
CA LEU A 45 -16.95 4.02 3.94
C LEU A 45 -17.89 4.98 3.23
N GLU A 46 -18.92 5.43 3.91
CA GLU A 46 -19.62 6.68 3.52
C GLU A 46 -18.65 7.83 3.77
N PRO A 47 -18.55 8.80 2.84
CA PRO A 47 -17.72 9.99 3.05
C PRO A 47 -17.91 10.68 4.41
N ALA A 48 -19.14 10.72 4.90
CA ALA A 48 -19.53 11.32 6.19
C ALA A 48 -18.67 10.69 7.30
N ASP A 49 -18.42 9.39 7.25
CA ASP A 49 -17.72 8.67 8.35
C ASP A 49 -16.20 8.75 8.22
N TYR A 50 -15.69 9.30 7.13
CA TYR A 50 -14.25 9.18 6.77
C TYR A 50 -13.37 9.77 7.88
N LEU A 51 -13.69 10.97 8.31
CA LEU A 51 -12.81 11.79 9.19
C LEU A 51 -12.65 11.08 10.53
N GLN A 52 -13.74 10.56 11.09
CA GLN A 52 -13.74 9.81 12.38
C GLN A 52 -12.84 8.57 12.28
N PHE A 53 -12.89 7.88 11.15
CA PHE A 53 -12.08 6.69 10.81
C PHE A 53 -10.61 7.07 10.71
N GLU A 54 -10.33 8.14 9.99
CA GLU A 54 -8.97 8.67 9.84
C GLU A 54 -8.38 9.01 11.23
N ALA A 55 -9.14 9.70 12.06
CA ALA A 55 -8.71 10.03 13.45
C ALA A 55 -8.47 8.74 14.25
N LYS A 56 -9.32 7.72 14.08
CA LYS A 56 -9.25 6.47 14.87
C LYS A 56 -7.86 5.85 14.64
N LEU A 57 -7.48 5.64 13.36
CA LEU A 57 -6.21 5.02 12.96
C LEU A 57 -5.03 5.87 13.42
N SER A 58 -5.10 7.17 13.14
CA SER A 58 -4.08 8.17 13.50
C SER A 58 -3.68 8.03 14.98
N LYS A 59 -4.66 7.90 15.85
CA LYS A 59 -4.49 7.95 17.31
C LYS A 59 -3.73 6.72 17.77
N ILE A 60 -3.84 5.61 17.03
CA ILE A 60 -3.26 4.30 17.39
C ILE A 60 -1.75 4.30 17.13
N ILE A 61 -1.29 4.92 16.05
CA ILE A 61 0.15 4.82 15.65
C ILE A 61 1.04 5.61 16.62
N ASN A 62 2.31 5.22 16.77
CA ASN A 62 3.40 6.09 17.28
C ASN A 62 3.87 6.94 16.14
N SER A 63 3.52 8.21 16.16
CA SER A 63 3.81 9.12 15.04
C SER A 63 5.31 9.42 15.01
N LYS A 64 6.08 9.06 16.04
CA LYS A 64 7.54 9.33 16.05
C LYS A 64 8.32 8.20 15.42
N THR A 65 7.66 7.15 14.96
CA THR A 65 8.30 5.84 14.67
C THR A 65 7.66 5.33 13.39
N ASP A 66 6.34 5.28 13.35
CA ASP A 66 5.53 4.61 12.31
C ASP A 66 5.23 5.56 11.15
N ASN A 67 4.73 4.96 10.08
CA ASN A 67 4.20 5.66 8.89
C ASN A 67 2.83 5.06 8.56
N LEU A 68 1.81 5.92 8.46
CA LEU A 68 0.46 5.54 7.98
C LEU A 68 0.16 6.38 6.73
N ARG A 69 -0.12 5.72 5.61
CA ARG A 69 -0.53 6.42 4.36
C ARG A 69 -1.91 5.91 3.96
N ILE A 70 -2.88 6.79 3.78
CA ILE A 70 -4.31 6.49 3.47
C ILE A 70 -4.63 7.20 2.17
N TYR A 71 -5.14 6.43 1.20
CA TYR A 71 -5.66 6.92 -0.10
C TYR A 71 -7.19 6.96 0.02
N SER A 72 -7.85 8.12 -0.02
CA SER A 72 -9.34 8.16 0.00
C SER A 72 -9.83 8.42 -1.39
N LEU A 73 -10.17 7.36 -2.12
CA LEU A 73 -10.50 7.39 -3.57
C LEU A 73 -12.02 7.38 -3.80
N ASP A 74 -12.43 8.13 -4.83
CA ASP A 74 -13.80 8.10 -5.39
C ASP A 74 -13.96 6.68 -5.95
N ALA A 75 -15.15 6.10 -5.83
CA ALA A 75 -15.55 4.82 -6.45
C ALA A 75 -14.93 4.63 -7.85
N ILE A 76 -15.11 5.66 -8.67
CA ILE A 76 -14.79 5.55 -10.13
C ILE A 76 -13.28 5.75 -10.32
N SER A 77 -12.52 6.11 -9.29
CA SER A 77 -11.06 6.35 -9.42
C SER A 77 -10.36 5.11 -10.02
N VAL A 78 -10.84 3.92 -9.67
CA VAL A 78 -10.03 2.67 -9.78
C VAL A 78 -10.48 1.90 -11.01
N SER A 79 -9.57 1.63 -11.95
CA SER A 79 -9.90 0.84 -13.17
C SER A 79 -9.56 -0.65 -12.95
N LYS A 80 -8.48 -0.96 -12.22
CA LYS A 80 -7.83 -2.29 -12.22
C LYS A 80 -6.99 -2.45 -10.93
N ILE A 81 -7.19 -3.54 -10.24
CA ILE A 81 -6.31 -4.02 -9.15
C ILE A 81 -5.83 -5.39 -9.62
N LYS A 82 -4.55 -5.55 -9.89
CA LYS A 82 -3.94 -6.82 -10.35
C LYS A 82 -3.09 -7.41 -9.22
N GLN A 83 -3.32 -8.66 -8.89
CA GLN A 83 -2.62 -9.42 -7.84
C GLN A 83 -1.60 -10.39 -8.44
N PHE A 84 -0.47 -10.58 -7.78
CA PHE A 84 0.56 -11.57 -8.22
C PHE A 84 1.09 -12.34 -7.03
N GLY A 85 1.42 -13.60 -7.32
CA GLY A 85 1.79 -14.61 -6.32
C GLY A 85 0.61 -14.95 -5.43
N VAL A 86 0.84 -14.90 -4.13
CA VAL A 86 0.21 -15.84 -3.16
C VAL A 86 -0.54 -14.97 -2.14
N SER A 87 -1.65 -15.45 -1.58
CA SER A 87 -2.73 -14.56 -1.08
C SER A 87 -2.97 -14.67 0.43
N ASN A 88 -2.19 -15.48 1.18
CA ASN A 88 -2.46 -15.79 2.62
C ASN A 88 -1.60 -14.90 3.57
N ILE A 89 -2.24 -14.17 4.49
CA ILE A 89 -1.65 -13.36 5.63
C ILE A 89 -1.67 -11.85 5.32
N ASP B 1 -4.08 11.94 -19.21
CA ASP B 1 -3.43 11.11 -20.29
C ASP B 1 -2.67 9.93 -19.65
N PRO B 2 -1.90 10.07 -18.52
CA PRO B 2 -1.22 8.95 -17.85
C PRO B 2 -1.83 8.42 -16.53
N MET B 3 -1.62 7.15 -16.26
CA MET B 3 -2.26 6.49 -15.10
C MET B 3 -1.40 6.67 -13.87
N PHE B 4 -2.05 6.76 -12.74
CA PHE B 4 -1.44 6.76 -11.41
C PHE B 4 -1.48 5.33 -10.84
N ILE B 5 -0.33 4.84 -10.37
CA ILE B 5 -0.12 3.41 -10.01
C ILE B 5 0.50 3.30 -8.64
N ILE B 6 -0.19 2.60 -7.74
CA ILE B 6 0.30 2.24 -6.37
C ILE B 6 0.79 0.80 -6.44
N VAL B 7 2.04 0.59 -6.13
CA VAL B 7 2.63 -0.77 -6.10
C VAL B 7 2.86 -1.13 -4.63
N CYS B 8 2.26 -2.24 -4.19
CA CYS B 8 2.42 -2.74 -2.81
C CYS B 8 3.09 -4.10 -2.90
N TYR B 9 4.31 -4.21 -2.38
CA TYR B 9 5.10 -5.46 -2.41
C TYR B 9 5.36 -5.93 -0.98
N ASP B 10 4.71 -7.04 -0.64
CA ASP B 10 4.87 -7.73 0.67
C ASP B 10 5.82 -8.91 0.45
N VAL B 11 7.08 -8.78 0.86
CA VAL B 11 8.08 -9.88 0.74
C VAL B 11 8.86 -9.97 2.04
N GLU B 12 9.32 -11.17 2.38
CA GLU B 12 10.10 -11.39 3.62
C GLU B 12 11.46 -10.72 3.41
N THR B 13 11.99 -10.12 4.45
CA THR B 13 13.26 -9.41 4.36
C THR B 13 14.20 -10.00 5.40
N ILE B 14 13.99 -11.26 5.71
CA ILE B 14 14.85 -12.02 6.66
C ILE B 14 16.03 -12.56 5.85
N THR B 15 15.79 -13.20 4.70
CA THR B 15 16.85 -13.74 3.83
C THR B 15 17.44 -12.63 2.95
N GLN B 16 18.73 -12.71 2.59
CA GLN B 16 19.39 -11.81 1.60
C GLN B 16 18.60 -11.82 0.28
N GLU B 17 18.13 -12.98 -0.17
CA GLU B 17 17.39 -13.12 -1.45
C GLU B 17 16.14 -12.25 -1.40
N GLY B 18 15.42 -12.28 -0.27
CA GLY B 18 14.22 -11.49 -0.08
C GLY B 18 14.51 -10.00 -0.04
N ARG B 19 15.54 -9.58 0.67
CA ARG B 19 15.92 -8.14 0.67
C ARG B 19 16.25 -7.72 -0.76
N ALA B 20 16.97 -8.57 -1.51
CA ALA B 20 17.38 -8.29 -2.91
C ALA B 20 16.14 -8.15 -3.82
N ARG B 21 15.13 -8.99 -3.66
CA ARG B 21 13.89 -8.89 -4.47
C ARG B 21 13.25 -7.53 -4.16
N LEU B 22 13.28 -7.07 -2.90
CA LEU B 22 12.62 -5.78 -2.57
C LEU B 22 13.41 -4.64 -3.21
N ARG B 23 14.74 -4.75 -3.15
CA ARG B 23 15.66 -3.74 -3.72
C ARG B 23 15.36 -3.67 -5.22
N LYS B 24 15.14 -4.79 -5.88
CA LYS B 24 15.05 -4.83 -7.35
C LYS B 24 13.71 -4.23 -7.77
N VAL B 25 12.67 -4.46 -6.97
CA VAL B 25 11.33 -3.87 -7.24
C VAL B 25 11.43 -2.36 -7.06
N ALA B 26 12.02 -1.93 -5.96
CA ALA B 26 12.23 -0.50 -5.64
C ALA B 26 12.89 0.17 -6.85
N LYS B 27 13.93 -0.43 -7.39
CA LYS B 27 14.73 0.19 -8.47
C LYS B 27 13.93 0.29 -9.77
N THR B 28 13.12 -0.70 -10.07
CA THR B 28 12.17 -0.64 -11.20
C THR B 28 11.16 0.50 -10.97
N CYS B 29 10.59 0.63 -9.77
CA CYS B 29 9.50 1.60 -9.51
C CYS B 29 10.05 3.02 -9.48
N GLU B 30 11.34 3.21 -9.13
CA GLU B 30 11.86 4.55 -8.77
C GLU B 30 12.25 5.27 -10.05
N SER B 31 12.36 4.57 -11.17
CA SER B 31 12.57 5.19 -12.49
C SER B 31 11.24 5.64 -13.09
N HIS B 32 10.11 5.40 -12.39
CA HIS B 32 8.75 5.83 -12.82
C HIS B 32 8.00 6.54 -11.70
N GLY B 33 8.65 6.86 -10.60
CA GLY B 33 7.96 7.43 -9.44
C GLY B 33 8.80 7.37 -8.18
N GLN B 34 8.12 7.27 -7.05
CA GLN B 34 8.60 7.58 -5.69
C GLN B 34 8.32 6.38 -4.76
N ARG B 35 9.29 6.07 -3.91
CA ARG B 35 9.11 5.16 -2.78
C ARG B 35 8.45 5.93 -1.64
N VAL B 36 7.27 5.53 -1.19
CA VAL B 36 6.53 6.38 -0.22
C VAL B 36 6.47 5.64 1.12
N GLN B 37 6.84 4.37 1.12
CA GLN B 37 6.93 3.50 2.30
C GLN B 37 7.94 2.39 2.04
N LYS B 38 8.30 1.63 3.07
CA LYS B 38 9.24 0.50 2.88
C LYS B 38 8.86 -0.22 1.59
N SER B 39 7.61 -0.60 1.44
CA SER B 39 7.21 -1.56 0.40
C SER B 39 6.03 -1.02 -0.42
N VAL B 40 5.80 0.31 -0.41
CA VAL B 40 4.79 1.01 -1.26
C VAL B 40 5.46 2.09 -2.13
N PHE B 41 5.15 2.09 -3.43
CA PHE B 41 5.64 3.02 -4.47
C PHE B 41 4.45 3.62 -5.22
N GLU B 42 4.57 4.91 -5.59
CA GLU B 42 3.62 5.61 -6.46
C GLU B 42 4.28 5.89 -7.81
N CYS B 43 3.68 5.49 -8.91
CA CYS B 43 4.28 5.55 -10.25
C CYS B 43 3.26 6.17 -11.21
N GLN B 44 3.76 6.80 -12.27
CA GLN B 44 2.97 7.28 -13.44
C GLN B 44 3.55 6.68 -14.73
N LEU B 45 2.66 6.12 -15.55
CA LEU B 45 2.98 5.49 -16.84
C LEU B 45 1.85 5.75 -17.79
N GLU B 46 2.18 5.96 -19.05
CA GLU B 46 1.19 5.91 -20.15
C GLU B 46 0.78 4.45 -20.24
N PRO B 47 -0.49 4.18 -20.62
CA PRO B 47 -1.03 2.83 -20.80
C PRO B 47 -0.18 1.81 -21.55
N ALA B 48 0.47 2.18 -22.64
CA ALA B 48 1.25 1.23 -23.49
C ALA B 48 2.37 0.65 -22.61
N ASP B 49 2.97 1.50 -21.79
CA ASP B 49 4.18 1.13 -21.01
C ASP B 49 3.78 0.32 -19.79
N TYR B 50 2.51 0.36 -19.37
CA TYR B 50 2.02 -0.32 -18.16
C TYR B 50 2.33 -1.82 -18.24
N LEU B 51 2.01 -2.46 -19.37
CA LEU B 51 2.03 -3.95 -19.45
C LEU B 51 3.47 -4.45 -19.31
N GLN B 52 4.40 -3.78 -19.96
CA GLN B 52 5.84 -4.11 -19.92
C GLN B 52 6.37 -3.94 -18.49
N PHE B 53 5.93 -2.88 -17.81
CA PHE B 53 6.25 -2.59 -16.38
C PHE B 53 5.69 -3.69 -15.47
N GLU B 54 4.43 -4.08 -15.69
CA GLU B 54 3.73 -5.09 -14.89
C GLU B 54 4.46 -6.43 -15.04
N ALA B 55 4.82 -6.81 -16.26
CA ALA B 55 5.59 -8.03 -16.54
C ALA B 55 6.96 -7.93 -15.83
N LYS B 56 7.62 -6.78 -15.85
CA LYS B 56 9.00 -6.68 -15.32
C LYS B 56 8.95 -6.96 -13.80
N LEU B 57 8.02 -6.35 -13.05
CA LEU B 57 7.87 -6.57 -11.59
C LEU B 57 7.53 -8.03 -11.30
N SER B 58 6.54 -8.55 -12.00
CA SER B 58 6.06 -9.94 -11.91
C SER B 58 7.24 -10.92 -11.98
N LYS B 59 8.16 -10.70 -12.92
CA LYS B 59 9.28 -11.61 -13.26
C LYS B 59 10.23 -11.67 -12.06
N ILE B 60 10.33 -10.60 -11.28
CA ILE B 60 11.35 -10.41 -10.18
C ILE B 60 10.92 -11.22 -8.96
N ILE B 61 9.61 -11.26 -8.68
CA ILE B 61 9.10 -11.85 -7.41
C ILE B 61 9.19 -13.39 -7.47
N ASN B 62 9.29 -14.03 -6.29
CA ASN B 62 8.88 -15.42 -6.02
C ASN B 62 7.36 -15.46 -5.95
N SER B 63 6.73 -15.97 -7.00
CA SER B 63 5.25 -16.00 -7.10
C SER B 63 4.69 -17.02 -6.08
N LYS B 64 5.53 -17.95 -5.59
CA LYS B 64 5.04 -19.00 -4.66
C LYS B 64 5.12 -18.51 -3.21
N THR B 65 5.61 -17.30 -2.98
CA THR B 65 6.08 -16.85 -1.65
C THR B 65 5.67 -15.41 -1.37
N ASP B 66 5.74 -14.54 -2.37
CA ASP B 66 5.56 -13.08 -2.19
C ASP B 66 4.14 -12.71 -2.62
N ASN B 67 3.75 -11.50 -2.25
CA ASN B 67 2.47 -10.89 -2.64
C ASN B 67 2.76 -9.51 -3.26
N LEU B 68 2.40 -9.34 -4.50
CA LEU B 68 2.55 -8.08 -5.24
C LEU B 68 1.17 -7.65 -5.71
N ARG B 69 0.81 -6.43 -5.38
CA ARG B 69 -0.52 -5.89 -5.68
C ARG B 69 -0.31 -4.55 -6.36
N ILE B 70 -0.91 -4.35 -7.54
CA ILE B 70 -0.74 -3.12 -8.36
C ILE B 70 -2.12 -2.51 -8.54
N TYR B 71 -2.30 -1.28 -8.07
CA TYR B 71 -3.55 -0.50 -8.27
C TYR B 71 -3.36 0.47 -9.44
N SER B 72 -4.20 0.35 -10.47
CA SER B 72 -4.24 1.29 -11.61
C SER B 72 -5.37 2.31 -11.40
N LEU B 73 -5.02 3.54 -11.05
CA LEU B 73 -6.02 4.62 -10.81
C LEU B 73 -6.01 5.63 -11.96
N ASP B 74 -7.17 6.21 -12.19
CA ASP B 74 -7.30 7.51 -12.92
C ASP B 74 -6.64 8.54 -12.01
N ALA B 75 -6.14 9.61 -12.61
CA ALA B 75 -5.37 10.67 -11.94
C ALA B 75 -6.20 11.15 -10.76
N ILE B 76 -5.58 11.35 -9.59
CA ILE B 76 -6.27 11.80 -8.34
C ILE B 76 -5.72 13.18 -7.87
N SER B 77 -6.47 13.92 -7.06
CA SER B 77 -5.92 15.06 -6.33
C SER B 77 -4.87 14.54 -5.33
N VAL B 78 -3.81 15.31 -5.12
CA VAL B 78 -2.92 15.10 -3.96
C VAL B 78 -3.79 15.18 -2.68
N SER B 79 -4.89 15.95 -2.65
CA SER B 79 -5.70 16.09 -1.42
C SER B 79 -6.25 14.72 -0.99
N LYS B 80 -6.28 13.70 -1.86
CA LYS B 80 -6.83 12.36 -1.52
C LYS B 80 -5.77 11.50 -0.84
N ILE B 81 -4.54 12.00 -0.74
CA ILE B 81 -3.40 11.20 -0.24
C ILE B 81 -3.04 11.76 1.13
N LYS B 82 -3.31 11.01 2.20
CA LYS B 82 -3.05 11.45 3.59
CA LYS B 82 -3.06 11.45 3.58
C LYS B 82 -1.91 10.60 4.17
N GLN B 83 -0.97 11.26 4.83
CA GLN B 83 0.24 10.71 5.48
C GLN B 83 0.24 11.03 6.98
N PHE B 84 0.69 10.10 7.82
CA PHE B 84 0.98 10.38 9.25
C PHE B 84 2.26 9.68 9.68
N GLY B 85 3.02 10.33 10.55
CA GLY B 85 4.31 9.89 11.08
C GLY B 85 5.43 10.24 10.15
N VAL B 86 6.49 9.43 10.12
CA VAL B 86 7.80 9.82 9.52
C VAL B 86 8.12 8.85 8.36
N SER B 87 9.05 9.18 7.47
CA SER B 87 9.60 8.23 6.47
C SER B 87 11.03 7.83 6.87
N ASN B 88 11.17 6.60 7.40
CA ASN B 88 12.38 6.10 8.12
C ASN B 88 13.04 4.96 7.30
N ILE B 89 12.86 4.91 5.97
CA ILE B 89 13.63 4.09 4.96
C ILE B 89 12.65 3.12 4.31
C1 GOL C . 2.17 -14.34 10.38
O1 GOL C . 1.83 -15.69 10.06
C2 GOL C . 3.65 -14.21 10.68
O2 GOL C . 4.39 -14.34 9.47
C3 GOL C . 4.01 -12.91 11.39
O3 GOL C . 4.75 -13.14 12.59
#